data_3NRQ
#
_entry.id   3NRQ
#
_cell.length_a   38.410
_cell.length_b   51.970
_cell.length_c   146.650
_cell.angle_alpha   90.000
_cell.angle_beta   90.000
_cell.angle_gamma   90.000
#
_symmetry.space_group_name_H-M   'P 21 21 21'
#
loop_
_entity.id
_entity.type
_entity.pdbx_description
1 polymer 'Periplasmic protein-probably involved in high-affinity Fe2+ transport'
2 non-polymer 'COPPER (II) ION'
3 water water
#
_entity_poly.entity_id   1
_entity_poly.type   'polypeptide(L)'
_entity_poly.pdbx_seq_one_letter_code
;MGFKEYPAGEPVTMNEMELAAVYLQPIDMEPRGMGLPAAKADVHLEADIHAVEGNKNGFGAGEWIPYLTISYTLVNNDTG
EKQEGTFMPMVASDGPHYGANIKMMGVGNYKVTYHIEPPSKAGMHRHTDSETGVGRWWKPFDVSYEFKYVGLNSSGLVPR
;
_entity_poly.pdbx_strand_id   A,B
#
loop_
_chem_comp.id
_chem_comp.type
_chem_comp.name
_chem_comp.formula
CU non-polymer 'COPPER (II) ION' 'Cu 2'
#
# COMPACT_ATOMS: atom_id res chain seq x y z
N LYS A 4 9.96 -2.45 22.69
CA LYS A 4 9.28 -3.58 23.38
C LYS A 4 8.01 -4.00 22.62
N GLU A 5 8.13 -5.08 21.87
CA GLU A 5 7.03 -5.60 21.06
C GLU A 5 6.60 -6.95 21.60
N TYR A 6 5.29 -7.17 21.67
CA TYR A 6 4.73 -8.37 22.31
C TYR A 6 4.00 -9.22 21.26
N PRO A 7 4.41 -10.49 21.08
CA PRO A 7 3.68 -11.42 20.21
C PRO A 7 2.26 -11.73 20.73
N ALA A 8 1.31 -11.78 19.81
CA ALA A 8 -0.05 -12.17 20.14
C ALA A 8 -0.29 -13.47 19.41
N GLY A 9 -0.12 -14.59 20.11
CA GLY A 9 -0.28 -15.88 19.45
C GLY A 9 0.89 -16.17 18.54
N GLU A 10 0.66 -17.06 17.57
CA GLU A 10 1.69 -17.52 16.64
CA GLU A 10 1.69 -17.53 16.65
C GLU A 10 1.40 -17.01 15.24
N PRO A 11 2.44 -16.60 14.50
CA PRO A 11 2.24 -16.24 13.08
C PRO A 11 1.76 -17.45 12.31
N VAL A 12 0.96 -17.21 11.28
CA VAL A 12 0.47 -18.26 10.43
C VAL A 12 0.50 -17.80 8.99
N THR A 13 0.67 -18.77 8.10
CA THR A 13 0.72 -18.53 6.67
C THR A 13 -0.58 -18.98 6.02
N MET A 14 -1.21 -18.06 5.28
CA MET A 14 -2.46 -18.30 4.56
C MET A 14 -2.38 -17.53 3.27
N ASN A 15 -2.68 -18.18 2.14
CA ASN A 15 -2.72 -17.49 0.84
C ASN A 15 -1.38 -16.85 0.46
N GLU A 16 -0.29 -17.57 0.70
CA GLU A 16 1.06 -17.10 0.33
C GLU A 16 1.41 -15.81 1.03
N MET A 17 0.89 -15.63 2.24
CA MET A 17 1.25 -14.48 3.10
C MET A 17 1.48 -14.96 4.50
N GLU A 18 2.45 -14.38 5.18
CA GLU A 18 2.66 -14.69 6.58
C GLU A 18 1.97 -13.59 7.35
N LEU A 19 1.13 -13.99 8.30
CA LEU A 19 0.25 -13.08 9.02
C LEU A 19 0.49 -13.22 10.50
N ALA A 20 0.95 -12.18 11.13
CA ALA A 20 1.21 -12.23 12.57
C ALA A 20 0.50 -11.08 13.27
N ALA A 21 0.21 -11.29 14.55
CA ALA A 21 -0.37 -10.27 15.37
C ALA A 21 0.63 -9.93 16.49
N VAL A 22 0.82 -8.63 16.71
CA VAL A 22 1.76 -8.11 17.70
C VAL A 22 1.15 -6.88 18.35
N TYR A 23 1.61 -6.57 19.55
CA TYR A 23 1.27 -5.31 20.13
C TYR A 23 2.44 -4.64 20.82
N LEU A 24 2.27 -3.34 20.98
CA LEU A 24 3.28 -2.44 21.52
C LEU A 24 2.60 -1.60 22.57
N GLN A 25 3.38 -0.77 23.26
CA GLN A 25 2.79 0.30 24.03
C GLN A 25 2.00 1.21 23.09
N PRO A 26 1.00 1.95 23.61
CA PRO A 26 0.22 2.83 22.75
C PRO A 26 1.05 3.90 22.06
N ILE A 27 0.69 4.23 20.83
N ILE A 27 0.74 4.21 20.80
CA ILE A 27 1.45 5.15 19.98
CA ILE A 27 1.53 5.17 20.01
C ILE A 27 0.71 6.49 19.82
C ILE A 27 0.72 6.41 19.63
N ASP A 28 1.41 7.52 19.37
CA ASP A 28 0.75 8.73 18.86
C ASP A 28 0.76 8.63 17.36
N MET A 29 -0.38 8.83 16.74
CA MET A 29 -0.41 8.81 15.30
C MET A 29 -0.79 10.15 14.76
N GLU A 30 -0.28 10.45 13.56
N GLU A 30 -0.30 10.45 13.56
CA GLU A 30 -0.79 11.50 12.71
CA GLU A 30 -0.83 11.54 12.76
C GLU A 30 -1.54 10.78 11.61
C GLU A 30 -1.49 10.86 11.58
N PRO A 31 -2.69 11.32 11.18
CA PRO A 31 -3.47 12.46 11.74
C PRO A 31 -3.91 12.21 13.17
N ARG A 32 -3.67 13.16 14.08
CA ARG A 32 -4.07 12.95 15.48
C ARG A 32 -5.58 13.17 15.67
N GLY A 33 -6.11 12.72 16.81
CA GLY A 33 -7.53 12.90 17.11
C GLY A 33 -8.38 11.78 16.52
N MET A 34 -7.80 10.99 15.64
CA MET A 34 -8.49 9.80 15.18
C MET A 34 -8.07 8.66 16.08
N GLY A 35 -9.05 7.93 16.57
CA GLY A 35 -8.79 6.79 17.43
C GLY A 35 -8.36 7.27 18.81
N LEU A 36 -8.13 6.31 19.69
CA LEU A 36 -7.74 6.65 21.05
C LEU A 36 -6.35 7.21 21.04
N PRO A 37 -6.15 8.31 21.77
CA PRO A 37 -4.81 8.81 22.03
C PRO A 37 -4.06 7.79 22.89
N ALA A 38 -2.72 7.83 22.85
CA ALA A 38 -1.94 6.87 23.62
C ALA A 38 -2.33 6.86 25.11
N ALA A 39 -2.60 8.05 25.66
CA ALA A 39 -2.96 8.21 27.08
C ALA A 39 -4.23 7.47 27.51
N LYS A 40 -5.10 7.17 26.53
CA LYS A 40 -6.40 6.50 26.78
C LYS A 40 -6.45 5.07 26.23
N ALA A 41 -5.27 4.54 25.88
CA ALA A 41 -5.15 3.18 25.37
C ALA A 41 -4.16 2.41 26.22
N ASP A 42 -4.24 1.08 26.13
CA ASP A 42 -3.30 0.22 26.81
C ASP A 42 -2.25 -0.32 25.88
N VAL A 43 -2.61 -0.51 24.61
CA VAL A 43 -1.69 -1.08 23.61
C VAL A 43 -1.95 -0.51 22.21
N HIS A 44 -0.94 -0.64 21.34
CA HIS A 44 -1.12 -0.45 19.89
C HIS A 44 -1.07 -1.86 19.29
N LEU A 45 -2.16 -2.31 18.70
CA LEU A 45 -2.24 -3.67 18.17
C LEU A 45 -2.02 -3.64 16.67
N GLU A 46 -1.21 -4.55 16.15
CA GLU A 46 -0.90 -4.53 14.72
C GLU A 46 -1.21 -5.85 14.02
N ALA A 47 -1.42 -5.76 12.72
CA ALA A 47 -1.40 -6.91 11.82
C ALA A 47 -0.16 -6.77 10.96
N ASP A 48 0.72 -7.76 11.07
CA ASP A 48 2.00 -7.85 10.34
C ASP A 48 1.81 -8.87 9.19
N ILE A 49 1.77 -8.39 7.94
CA ILE A 49 1.37 -9.23 6.79
C ILE A 49 2.27 -9.02 5.60
N HIS A 50 3.01 -10.07 5.22
CA HIS A 50 3.93 -9.97 4.08
C HIS A 50 3.86 -11.20 3.22
N ALA A 51 4.18 -11.03 1.93
CA ALA A 51 4.23 -12.17 1.03
C ALA A 51 5.26 -13.19 1.49
N VAL A 52 4.93 -14.46 1.35
CA VAL A 52 5.98 -15.51 1.40
C VAL A 52 6.29 -16.00 -0.02
N GLU A 53 7.29 -16.87 -0.13
CA GLU A 53 7.62 -17.44 -1.43
CA GLU A 53 7.66 -17.51 -1.38
C GLU A 53 6.43 -18.17 -2.01
N GLY A 54 6.22 -17.99 -3.30
CA GLY A 54 5.12 -18.65 -3.98
C GLY A 54 3.91 -17.75 -4.19
N ASN A 55 3.99 -16.51 -3.72
CA ASN A 55 2.89 -15.56 -3.92
C ASN A 55 2.47 -15.45 -5.39
N LYS A 56 1.18 -15.64 -5.66
CA LYS A 56 0.63 -15.70 -7.01
C LYS A 56 -0.02 -14.37 -7.41
N ASN A 57 0.04 -13.40 -6.51
CA ASN A 57 -0.63 -12.13 -6.74
C ASN A 57 0.33 -11.00 -7.05
N GLY A 58 1.56 -11.34 -7.45
CA GLY A 58 2.53 -10.32 -7.89
C GLY A 58 3.49 -9.79 -6.85
N PHE A 59 3.39 -10.25 -5.61
CA PHE A 59 4.30 -9.76 -4.57
C PHE A 59 5.47 -10.72 -4.36
N GLY A 60 6.68 -10.16 -4.26
CA GLY A 60 7.87 -10.98 -3.95
C GLY A 60 7.93 -11.32 -2.47
N ALA A 61 8.64 -12.39 -2.11
CA ALA A 61 8.71 -12.83 -0.72
C ALA A 61 9.23 -11.68 0.16
N GLY A 62 8.54 -11.46 1.29
CA GLY A 62 8.89 -10.38 2.21
C GLY A 62 8.23 -9.01 1.99
N GLU A 63 7.63 -8.78 0.82
CA GLU A 63 7.01 -7.47 0.53
C GLU A 63 5.73 -7.30 1.34
N TRP A 64 5.51 -6.10 1.84
CA TRP A 64 4.24 -5.79 2.51
C TRP A 64 3.08 -5.96 1.56
N ILE A 65 1.95 -6.42 2.08
CA ILE A 65 0.75 -6.48 1.27
C ILE A 65 -0.12 -5.25 1.53
N PRO A 66 -0.22 -4.36 0.53
CA PRO A 66 -0.89 -3.07 0.71
C PRO A 66 -2.36 -3.19 0.33
N TYR A 67 -3.13 -2.16 0.68
CA TYR A 67 -4.55 -2.03 0.31
C TYR A 67 -5.48 -3.08 0.90
N LEU A 68 -5.03 -3.76 1.98
CA LEU A 68 -5.95 -4.70 2.65
C LEU A 68 -6.98 -3.93 3.46
N THR A 69 -8.17 -4.50 3.60
CA THR A 69 -9.10 -3.97 4.59
C THR A 69 -9.18 -5.01 5.71
N ILE A 70 -8.78 -4.61 6.90
CA ILE A 70 -8.77 -5.56 8.01
C ILE A 70 -9.61 -5.12 9.19
N SER A 71 -10.54 -5.98 9.57
CA SER A 71 -11.31 -5.76 10.78
CA SER A 71 -11.35 -5.79 10.76
C SER A 71 -10.84 -6.72 11.86
N TYR A 72 -11.01 -6.33 13.12
CA TYR A 72 -10.62 -7.21 14.23
C TYR A 72 -11.80 -7.41 15.14
N THR A 73 -11.87 -8.59 15.76
CA THR A 73 -12.83 -8.85 16.80
C THR A 73 -11.99 -9.37 17.94
N LEU A 74 -12.03 -8.64 19.05
CA LEU A 74 -11.18 -8.90 20.20
C LEU A 74 -12.02 -9.33 21.40
N VAL A 75 -11.71 -10.50 21.94
CA VAL A 75 -12.52 -11.04 23.05
C VAL A 75 -11.63 -11.35 24.26
N ASN A 76 -12.03 -10.83 25.42
CA ASN A 76 -11.46 -11.29 26.68
C ASN A 76 -12.20 -12.59 27.01
N ASN A 77 -11.48 -13.71 26.89
CA ASN A 77 -12.09 -15.03 27.06
C ASN A 77 -12.51 -15.24 28.50
N ASP A 78 -11.82 -14.56 29.42
CA ASP A 78 -12.16 -14.72 30.85
C ASP A 78 -13.50 -14.10 31.19
N THR A 79 -13.87 -13.01 30.51
CA THR A 79 -15.11 -12.29 30.84
C THR A 79 -16.17 -12.35 29.76
N GLY A 80 -15.75 -12.65 28.53
CA GLY A 80 -16.67 -12.69 27.41
C GLY A 80 -16.85 -11.33 26.75
N GLU A 81 -16.30 -10.28 27.34
CA GLU A 81 -16.47 -8.97 26.72
C GLU A 81 -15.65 -8.84 25.46
N LYS A 82 -16.26 -8.23 24.47
CA LYS A 82 -15.63 -8.09 23.17
C LYS A 82 -15.59 -6.65 22.71
N GLN A 83 -14.72 -6.40 21.75
CA GLN A 83 -14.75 -5.15 21.02
C GLN A 83 -14.36 -5.41 19.58
N GLU A 84 -14.80 -4.54 18.68
CA GLU A 84 -14.62 -4.75 17.27
C GLU A 84 -14.17 -3.44 16.67
N GLY A 85 -13.48 -3.53 15.54
CA GLY A 85 -13.04 -2.32 14.86
C GLY A 85 -12.33 -2.67 13.58
N THR A 86 -11.80 -1.66 12.90
CA THR A 86 -10.99 -1.87 11.72
C THR A 86 -9.62 -1.26 11.95
N PHE A 87 -8.60 -1.82 11.30
CA PHE A 87 -7.25 -1.27 11.44
C PHE A 87 -7.09 -0.20 10.37
N MET A 88 -6.10 0.67 10.56
CA MET A 88 -5.74 1.64 9.53
C MET A 88 -4.38 1.25 8.99
N PRO A 89 -4.13 1.52 7.69
CA PRO A 89 -2.77 1.40 7.20
C PRO A 89 -1.89 2.50 7.81
N MET A 90 -0.65 2.19 8.13
N MET A 90 -0.66 2.14 8.18
CA MET A 90 0.21 3.23 8.69
CA MET A 90 0.23 3.04 8.96
C MET A 90 1.64 2.84 8.45
C MET A 90 1.70 2.76 8.64
N VAL A 91 2.56 3.71 8.82
N VAL A 91 2.55 3.80 8.72
CA VAL A 91 3.97 3.39 8.69
CA VAL A 91 4.01 3.59 8.66
C VAL A 91 4.67 3.83 9.95
C VAL A 91 4.62 3.83 10.03
N ALA A 92 5.60 2.99 10.40
CA ALA A 92 6.44 3.22 11.56
C ALA A 92 7.88 3.12 11.07
N SER A 93 8.84 3.28 11.95
CA SER A 93 10.25 3.28 11.53
C SER A 93 10.77 1.97 10.90
N ASP A 94 10.12 0.84 11.18
CA ASP A 94 10.54 -0.40 10.51
C ASP A 94 9.52 -0.82 9.47
N GLY A 95 8.68 0.12 9.05
CA GLY A 95 7.88 -0.13 7.87
C GLY A 95 6.37 0.01 7.99
N PRO A 96 5.69 -0.15 6.87
CA PRO A 96 4.23 -0.10 6.80
C PRO A 96 3.60 -1.35 7.45
N HIS A 97 2.42 -1.15 8.04
CA HIS A 97 1.65 -2.22 8.66
C HIS A 97 0.23 -1.73 8.82
N TYR A 98 -0.60 -2.54 9.49
CA TYR A 98 -1.98 -2.14 9.81
C TYR A 98 -2.08 -2.18 11.31
N GLY A 99 -2.78 -1.22 11.87
CA GLY A 99 -2.87 -1.14 13.34
C GLY A 99 -3.92 -0.23 13.89
N ALA A 100 -4.06 -0.25 15.22
CA ALA A 100 -4.90 0.69 15.93
C ALA A 100 -4.48 0.73 17.39
N ASN A 101 -4.59 1.89 18.03
CA ASN A 101 -4.51 1.99 19.50
C ASN A 101 -5.76 1.30 20.08
N ILE A 102 -5.58 0.55 21.17
CA ILE A 102 -6.66 -0.23 21.76
C ILE A 102 -6.61 -0.05 23.26
N LYS A 103 -7.78 0.20 23.84
CA LYS A 103 -7.95 0.09 25.28
C LYS A 103 -8.38 -1.35 25.57
N MET A 104 -7.58 -2.04 26.37
CA MET A 104 -7.83 -3.44 26.64
C MET A 104 -8.91 -3.58 27.70
N MET A 105 -9.28 -4.81 28.00
CA MET A 105 -10.43 -5.08 28.86
C MET A 105 -9.97 -5.90 30.06
N GLY A 106 -8.85 -5.46 30.63
CA GLY A 106 -8.29 -6.06 31.85
C GLY A 106 -7.33 -7.19 31.55
N VAL A 107 -6.54 -7.54 32.56
CA VAL A 107 -5.68 -8.70 32.51
C VAL A 107 -6.49 -9.93 32.12
N GLY A 108 -5.92 -10.78 31.27
CA GLY A 108 -6.59 -12.01 30.87
C GLY A 108 -6.17 -12.71 29.59
N ASN A 109 -6.81 -13.85 29.33
CA ASN A 109 -6.64 -14.60 28.10
C ASN A 109 -7.52 -13.98 27.04
N TYR A 110 -6.93 -13.65 25.90
CA TYR A 110 -7.68 -13.03 24.82
C TYR A 110 -7.62 -13.86 23.56
N LYS A 111 -8.62 -13.66 22.70
CA LYS A 111 -8.58 -14.14 21.33
C LYS A 111 -8.85 -12.94 20.43
N VAL A 112 -8.07 -12.81 19.37
CA VAL A 112 -8.36 -11.77 18.40
C VAL A 112 -8.44 -12.43 17.05
N THR A 113 -9.45 -12.03 16.28
CA THR A 113 -9.62 -12.55 14.93
C THR A 113 -9.54 -11.39 13.96
N TYR A 114 -8.75 -11.57 12.92
CA TYR A 114 -8.63 -10.54 11.88
C TYR A 114 -9.39 -11.05 10.70
N HIS A 115 -10.33 -10.24 10.16
CA HIS A 115 -11.01 -10.59 8.91
C HIS A 115 -10.34 -9.79 7.80
N ILE A 116 -9.86 -10.47 6.77
CA ILE A 116 -9.00 -9.82 5.80
C ILE A 116 -9.64 -9.85 4.43
N GLU A 117 -9.75 -8.68 3.83
CA GLU A 117 -10.28 -8.48 2.47
C GLU A 117 -9.12 -8.12 1.55
N PRO A 118 -9.10 -8.68 0.33
CA PRO A 118 -8.00 -8.47 -0.61
C PRO A 118 -7.89 -7.04 -1.16
N PRO A 119 -6.74 -6.70 -1.75
CA PRO A 119 -6.46 -5.33 -2.22
C PRO A 119 -7.47 -4.82 -3.26
N SER A 120 -8.13 -5.73 -3.97
CA SER A 120 -9.17 -5.34 -4.93
C SER A 120 -10.31 -4.57 -4.26
N LYS A 121 -10.52 -4.77 -2.97
CA LYS A 121 -11.63 -4.11 -2.29
C LYS A 121 -11.31 -2.72 -1.74
N ALA A 122 -10.07 -2.29 -1.92
CA ALA A 122 -9.66 -0.95 -1.51
C ALA A 122 -8.89 -0.25 -2.63
N GLY A 123 -9.18 -0.65 -3.88
CA GLY A 123 -8.79 0.17 -5.04
C GLY A 123 -7.57 -0.24 -5.84
N MET A 124 -6.94 -1.36 -5.48
CA MET A 124 -5.82 -1.87 -6.25
C MET A 124 -6.34 -2.78 -7.35
N HIS A 125 -5.85 -2.56 -8.57
CA HIS A 125 -6.29 -3.34 -9.72
C HIS A 125 -5.22 -4.32 -10.20
N ARG A 126 -5.59 -5.41 -10.84
CA ARG A 126 -4.57 -6.35 -11.31
C ARG A 126 -4.54 -6.34 -12.82
N HIS A 127 -3.35 -6.50 -13.38
CA HIS A 127 -3.19 -6.84 -14.79
C HIS A 127 -3.74 -8.25 -14.97
N THR A 128 -4.43 -8.50 -16.09
CA THR A 128 -5.07 -9.80 -16.33
C THR A 128 -4.62 -10.49 -17.60
N ASP A 129 -3.95 -9.73 -18.47
CA ASP A 129 -3.38 -10.27 -19.71
C ASP A 129 -2.36 -11.37 -19.42
N SER A 130 -2.10 -12.23 -20.40
CA SER A 130 -1.15 -13.34 -20.22
C SER A 130 0.31 -12.87 -20.04
N GLU A 131 0.63 -11.72 -20.62
CA GLU A 131 2.01 -11.22 -20.66
C GLU A 131 2.51 -10.68 -19.30
N THR A 132 1.69 -9.85 -18.65
CA THR A 132 2.08 -9.19 -17.40
C THR A 132 1.16 -9.52 -16.23
N GLY A 133 0.10 -10.29 -16.50
CA GLY A 133 -0.95 -10.48 -15.51
C GLY A 133 -0.58 -11.36 -14.34
N VAL A 134 -1.43 -11.30 -13.31
CA VAL A 134 -1.31 -12.19 -12.16
C VAL A 134 -2.64 -12.90 -11.93
N GLY A 135 -2.60 -13.89 -11.05
CA GLY A 135 -3.80 -14.67 -10.71
C GLY A 135 -4.87 -13.86 -10.00
N ARG A 136 -6.08 -14.41 -10.00
CA ARG A 136 -7.20 -13.91 -9.23
C ARG A 136 -6.81 -13.74 -7.78
N TRP A 137 -7.45 -12.80 -7.10
CA TRP A 137 -7.25 -12.66 -5.67
C TRP A 137 -7.90 -13.81 -4.92
N TRP A 138 -7.26 -14.16 -3.81
CA TRP A 138 -7.82 -15.08 -2.85
C TRP A 138 -9.12 -14.50 -2.29
N LYS A 139 -9.98 -15.39 -1.81
CA LYS A 139 -11.23 -14.98 -1.19
C LYS A 139 -10.94 -14.47 0.22
N PRO A 140 -11.78 -13.54 0.70
CA PRO A 140 -11.70 -13.04 2.05
C PRO A 140 -11.65 -14.17 3.07
N PHE A 141 -10.81 -14.00 4.08
CA PHE A 141 -10.63 -15.05 5.07
C PHE A 141 -10.36 -14.51 6.48
N ASP A 142 -10.47 -15.40 7.46
CA ASP A 142 -10.17 -15.06 8.87
C ASP A 142 -8.93 -15.72 9.41
N VAL A 143 -8.20 -15.00 10.26
N VAL A 143 -8.24 -15.03 10.31
CA VAL A 143 -7.14 -15.63 11.04
CA VAL A 143 -7.13 -15.65 11.01
C VAL A 143 -7.37 -15.26 12.50
C VAL A 143 -7.22 -15.23 12.47
N SER A 144 -7.07 -16.17 13.40
CA SER A 144 -7.27 -15.92 14.83
CA SER A 144 -7.24 -15.87 14.82
C SER A 144 -5.98 -16.18 15.63
N TYR A 145 -5.83 -15.47 16.73
CA TYR A 145 -4.66 -15.58 17.60
C TYR A 145 -5.14 -15.59 19.04
N GLU A 146 -4.54 -16.47 19.83
CA GLU A 146 -4.85 -16.53 21.26
C GLU A 146 -3.62 -16.02 21.99
N PHE A 147 -3.84 -15.14 22.96
CA PHE A 147 -2.72 -14.61 23.74
C PHE A 147 -3.10 -14.27 25.17
N LYS A 148 -2.09 -14.19 26.03
CA LYS A 148 -2.30 -13.78 27.41
C LYS A 148 -1.84 -12.33 27.58
N TYR A 149 -2.76 -11.49 28.00
CA TYR A 149 -2.47 -10.09 28.23
C TYR A 149 -2.32 -9.83 29.74
N VAL A 150 -1.14 -9.35 30.13
CA VAL A 150 -0.84 -9.07 31.55
C VAL A 150 -0.53 -7.58 31.80
N GLY A 151 -0.64 -6.77 30.75
CA GLY A 151 -0.26 -5.35 30.82
C GLY A 151 1.13 -5.14 30.25
N LEU A 152 1.60 -3.89 30.28
CA LEU A 152 2.94 -3.59 29.76
C LEU A 152 3.90 -3.15 30.86
N ASN A 153 3.34 -2.90 32.04
CA ASN A 153 4.09 -2.43 33.21
C ASN A 153 3.37 -2.73 34.53
N LYS B 4 7.35 -2.99 -17.61
CA LYS B 4 8.48 -2.04 -17.85
C LYS B 4 9.21 -2.35 -19.17
N GLU B 5 8.69 -1.83 -20.27
CA GLU B 5 9.22 -2.14 -21.61
C GLU B 5 9.93 -0.96 -22.29
N TYR B 6 9.31 0.21 -22.27
CA TYR B 6 9.86 1.38 -22.94
C TYR B 6 10.08 2.50 -21.92
N PRO B 7 11.36 2.88 -21.67
CA PRO B 7 11.58 3.93 -20.70
C PRO B 7 11.06 5.28 -21.22
N ALA B 8 10.49 6.08 -20.32
CA ALA B 8 10.04 7.44 -20.66
C ALA B 8 10.92 8.45 -19.92
N GLY B 9 11.88 9.01 -20.64
CA GLY B 9 12.83 9.94 -20.03
C GLY B 9 13.73 9.28 -18.99
N GLU B 10 14.31 10.08 -18.12
CA GLU B 10 15.25 9.58 -17.13
C GLU B 10 14.60 9.52 -15.75
N PRO B 11 14.98 8.51 -14.94
CA PRO B 11 14.48 8.49 -13.57
C PRO B 11 14.95 9.71 -12.77
N VAL B 12 14.15 10.11 -11.79
CA VAL B 12 14.41 11.25 -10.91
C VAL B 12 14.48 10.74 -9.47
N THR B 13 15.45 11.21 -8.68
CA THR B 13 15.50 10.84 -7.26
C THR B 13 15.19 12.08 -6.47
N MET B 14 14.04 12.05 -5.79
CA MET B 14 13.54 13.19 -5.05
C MET B 14 12.71 12.66 -3.89
N ASN B 15 12.82 13.35 -2.76
CA ASN B 15 12.15 12.98 -1.51
C ASN B 15 12.46 11.56 -1.07
N GLU B 16 13.72 11.16 -1.28
CA GLU B 16 14.21 9.86 -0.90
C GLU B 16 13.39 8.74 -1.58
N MET B 17 13.01 9.00 -2.81
CA MET B 17 12.36 8.01 -3.69
C MET B 17 12.99 8.10 -5.05
N GLU B 18 13.04 6.98 -5.75
CA GLU B 18 13.41 7.00 -7.16
C GLU B 18 12.13 6.88 -7.94
N LEU B 19 11.94 7.80 -8.88
CA LEU B 19 10.68 7.87 -9.59
C LEU B 19 10.97 7.78 -11.08
N ALA B 20 10.49 6.73 -11.72
CA ALA B 20 10.63 6.59 -13.17
C ALA B 20 9.30 6.43 -13.87
N ALA B 21 9.31 6.73 -15.17
CA ALA B 21 8.15 6.53 -16.02
C ALA B 21 8.51 5.48 -17.07
N VAL B 22 7.60 4.57 -17.32
CA VAL B 22 7.78 3.57 -18.34
C VAL B 22 6.44 3.37 -19.02
N TYR B 23 6.46 2.91 -20.27
CA TYR B 23 5.23 2.46 -20.88
C TYR B 23 5.42 1.14 -21.63
N LEU B 24 4.30 0.50 -21.94
CA LEU B 24 4.29 -0.78 -22.63
C LEU B 24 3.00 -0.84 -23.44
N GLN B 25 2.75 -1.97 -24.10
CA GLN B 25 1.47 -2.23 -24.76
C GLN B 25 0.30 -2.08 -23.78
N PRO B 26 -0.89 -1.66 -24.27
CA PRO B 26 -2.08 -1.62 -23.44
C PRO B 26 -2.32 -2.98 -22.77
N ILE B 27 -2.79 -2.96 -21.53
CA ILE B 27 -2.99 -4.19 -20.77
C ILE B 27 -4.46 -4.30 -20.37
N ASP B 28 -4.91 -5.49 -19.97
CA ASP B 28 -6.27 -5.69 -19.45
C ASP B 28 -6.25 -5.65 -17.92
N MET B 29 -7.25 -5.00 -17.33
N MET B 29 -7.19 -4.91 -17.34
CA MET B 29 -7.27 -4.73 -15.91
CA MET B 29 -7.27 -4.76 -15.87
C MET B 29 -8.56 -5.25 -15.24
C MET B 29 -8.47 -5.52 -15.32
N GLU B 30 -8.46 -5.76 -14.01
CA GLU B 30 -9.65 -6.25 -13.29
C GLU B 30 -10.19 -5.15 -12.40
N PRO B 31 -11.48 -4.75 -12.58
CA PRO B 31 -12.44 -5.25 -13.57
C PRO B 31 -12.66 -4.31 -14.76
N ARG B 32 -11.62 -3.55 -15.13
CA ARG B 32 -11.67 -2.58 -16.25
C ARG B 32 -12.60 -1.40 -15.94
N GLY B 33 -12.80 -1.11 -14.66
CA GLY B 33 -13.91 -0.28 -14.16
C GLY B 33 -14.16 1.07 -14.82
N MET B 34 -13.58 2.12 -14.26
CA MET B 34 -13.74 3.48 -14.76
C MET B 34 -12.72 3.79 -15.86
N GLY B 35 -11.99 2.76 -16.30
CA GLY B 35 -10.80 2.95 -17.13
C GLY B 35 -10.87 2.61 -18.60
N LEU B 36 -9.87 3.07 -19.34
CA LEU B 36 -9.79 2.87 -20.79
C LEU B 36 -9.46 1.42 -21.14
N PRO B 37 -10.34 0.75 -21.92
CA PRO B 37 -10.05 -0.61 -22.41
C PRO B 37 -8.79 -0.64 -23.29
N ALA B 38 -8.06 -1.75 -23.23
CA ALA B 38 -6.84 -1.92 -24.02
C ALA B 38 -7.03 -1.67 -25.51
N ALA B 39 -8.21 -2.02 -26.01
CA ALA B 39 -8.55 -1.87 -27.44
C ALA B 39 -8.77 -0.40 -27.85
N LYS B 40 -8.96 0.46 -26.86
CA LYS B 40 -9.17 1.89 -27.09
C LYS B 40 -7.93 2.72 -26.69
N ALA B 41 -6.83 2.04 -26.37
CA ALA B 41 -5.60 2.70 -25.90
C ALA B 41 -4.42 2.39 -26.79
N ASP B 42 -3.37 3.21 -26.65
CA ASP B 42 -2.14 3.03 -27.40
C ASP B 42 -1.05 2.43 -26.53
N VAL B 43 -1.04 2.84 -25.25
CA VAL B 43 0.00 2.38 -24.32
C VAL B 43 -0.57 2.16 -22.91
N HIS B 44 0.18 1.43 -22.10
CA HIS B 44 -0.05 1.42 -20.65
C HIS B 44 1.12 2.21 -20.06
N LEU B 45 0.82 3.35 -19.45
CA LEU B 45 1.84 4.25 -18.88
C LEU B 45 1.90 4.04 -17.37
N GLU B 46 3.12 3.99 -16.83
CA GLU B 46 3.30 3.65 -15.44
C GLU B 46 4.19 4.62 -14.70
N ALA B 47 3.93 4.74 -13.40
CA ALA B 47 4.90 5.37 -12.51
C ALA B 47 5.53 4.29 -11.66
N ASP B 48 6.85 4.22 -11.72
CA ASP B 48 7.64 3.26 -10.98
C ASP B 48 8.32 4.01 -9.83
N ILE B 49 7.83 3.81 -8.61
CA ILE B 49 8.27 4.65 -7.49
C ILE B 49 8.70 3.80 -6.32
N HIS B 50 9.97 3.87 -5.92
CA HIS B 50 10.46 3.08 -4.77
C HIS B 50 11.33 3.92 -3.86
N ALA B 51 11.42 3.54 -2.59
CA ALA B 51 12.25 4.30 -1.65
C ALA B 51 13.70 4.07 -1.99
N VAL B 52 14.52 5.08 -1.71
CA VAL B 52 15.95 4.88 -1.70
C VAL B 52 16.48 5.00 -0.28
N GLU B 53 17.74 4.61 -0.09
CA GLU B 53 18.37 4.73 1.20
C GLU B 53 18.24 6.14 1.82
N GLY B 54 17.89 6.21 3.10
CA GLY B 54 17.76 7.46 3.82
C GLY B 54 16.31 7.95 3.81
N ASN B 55 15.42 7.17 3.22
CA ASN B 55 13.97 7.49 3.26
C ASN B 55 13.56 7.67 4.71
N LYS B 56 12.86 8.78 4.99
CA LYS B 56 12.56 9.20 6.37
C LYS B 56 11.11 8.95 6.70
N ASN B 57 10.41 8.29 5.77
CA ASN B 57 8.97 8.09 5.92
C ASN B 57 8.61 6.63 6.21
N GLY B 58 9.62 5.85 6.61
CA GLY B 58 9.42 4.45 7.09
C GLY B 58 9.63 3.36 6.05
N PHE B 59 10.03 3.73 4.84
CA PHE B 59 10.26 2.76 3.78
C PHE B 59 11.71 2.38 3.60
N GLY B 60 11.97 1.08 3.49
CA GLY B 60 13.34 0.57 3.24
C GLY B 60 13.78 0.72 1.79
N ALA B 61 15.08 0.59 1.56
CA ALA B 61 15.60 0.78 0.23
C ALA B 61 14.95 -0.19 -0.76
N GLY B 62 14.53 0.36 -1.90
CA GLY B 62 13.88 -0.44 -2.95
C GLY B 62 12.40 -0.74 -2.72
N GLU B 63 11.87 -0.41 -1.55
CA GLU B 63 10.46 -0.74 -1.26
C GLU B 63 9.51 0.13 -2.09
N TRP B 64 8.43 -0.46 -2.58
CA TRP B 64 7.38 0.28 -3.24
C TRP B 64 6.74 1.26 -2.27
N ILE B 65 6.45 2.47 -2.76
CA ILE B 65 5.73 3.46 -1.98
C ILE B 65 4.26 3.28 -2.26
N PRO B 66 3.49 2.80 -1.26
CA PRO B 66 2.08 2.54 -1.48
C PRO B 66 1.23 3.76 -1.14
N TYR B 67 -0.04 3.71 -1.53
CA TYR B 67 -1.06 4.71 -1.10
C TYR B 67 -0.85 6.10 -1.67
N LEU B 68 -0.07 6.18 -2.77
CA LEU B 68 0.09 7.46 -3.43
C LEU B 68 -1.17 7.80 -4.26
N THR B 69 -1.41 9.09 -4.42
CA THR B 69 -2.39 9.61 -5.38
C THR B 69 -1.65 10.36 -6.47
N ILE B 70 -1.79 9.88 -7.70
CA ILE B 70 -1.00 10.40 -8.81
C ILE B 70 -1.87 10.75 -10.00
N SER B 71 -1.74 11.99 -10.47
CA SER B 71 -2.38 12.37 -11.71
C SER B 71 -1.30 12.77 -12.67
N TYR B 72 -1.64 12.82 -13.95
CA TYR B 72 -0.64 13.14 -14.98
C TYR B 72 -1.15 14.21 -15.91
N THR B 73 -0.20 14.94 -16.46
CA THR B 73 -0.43 15.90 -17.52
C THR B 73 0.53 15.49 -18.62
N LEU B 74 -0.03 15.09 -19.75
CA LEU B 74 0.70 14.59 -20.91
C LEU B 74 0.54 15.60 -22.03
N VAL B 75 1.66 16.05 -22.58
CA VAL B 75 1.66 17.06 -23.66
C VAL B 75 2.46 16.53 -24.84
N ASN B 76 1.82 16.51 -26.00
CA ASN B 76 2.54 16.32 -27.27
C ASN B 76 3.15 17.67 -27.60
N ASN B 77 4.46 17.80 -27.40
CA ASN B 77 5.15 19.09 -27.57
C ASN B 77 5.13 19.57 -29.02
N ASP B 78 4.96 18.64 -29.95
CA ASP B 78 4.97 18.97 -31.37
C ASP B 78 3.68 19.65 -31.82
N THR B 79 2.55 19.18 -31.29
CA THR B 79 1.24 19.73 -31.65
C THR B 79 0.64 20.64 -30.58
N GLY B 80 1.16 20.53 -29.36
CA GLY B 80 0.68 21.32 -28.24
C GLY B 80 -0.52 20.71 -27.51
N GLU B 81 -1.08 19.63 -28.07
CA GLU B 81 -2.26 18.97 -27.51
C GLU B 81 -1.95 18.38 -26.13
N LYS B 82 -2.90 18.52 -25.21
CA LYS B 82 -2.70 18.17 -23.82
C LYS B 82 -3.76 17.19 -23.34
N GLN B 83 -3.36 16.29 -22.43
CA GLN B 83 -4.27 15.33 -21.86
C GLN B 83 -3.99 15.24 -20.37
N GLU B 84 -5.08 15.31 -19.59
CA GLU B 84 -5.05 15.13 -18.13
C GLU B 84 -5.69 13.79 -17.78
N GLY B 85 -5.20 13.15 -16.72
CA GLY B 85 -5.80 11.92 -16.25
C GLY B 85 -5.20 11.49 -14.94
N THR B 86 -5.64 10.34 -14.45
CA THR B 86 -5.10 9.82 -13.20
C THR B 86 -4.63 8.38 -13.34
N PHE B 87 -3.71 7.99 -12.45
CA PHE B 87 -3.25 6.61 -12.37
C PHE B 87 -3.95 5.87 -11.25
N MET B 88 -3.99 4.55 -11.38
CA MET B 88 -4.52 3.67 -10.30
C MET B 88 -3.40 2.83 -9.75
N PRO B 89 -3.48 2.45 -8.47
CA PRO B 89 -2.55 1.44 -7.96
C PRO B 89 -2.90 0.11 -8.63
N MET B 90 -1.86 -0.67 -8.93
N MET B 90 -1.90 -0.65 -9.04
CA MET B 90 -1.96 -1.77 -9.88
CA MET B 90 -2.22 -1.95 -9.59
C MET B 90 -0.92 -2.84 -9.55
C MET B 90 -1.10 -2.89 -9.24
N VAL B 91 -1.26 -4.12 -9.68
CA VAL B 91 -0.25 -5.17 -9.49
C VAL B 91 -0.12 -5.97 -10.78
N ALA B 92 1.13 -6.21 -11.17
CA ALA B 92 1.47 -7.03 -12.32
C ALA B 92 2.46 -8.11 -11.86
N SER B 93 2.92 -8.94 -12.79
CA SER B 93 3.77 -10.07 -12.43
C SER B 93 5.07 -9.66 -11.77
N ASP B 94 5.54 -8.47 -12.09
CA ASP B 94 6.79 -7.97 -11.50
C ASP B 94 6.57 -6.98 -10.36
N GLY B 95 5.33 -6.91 -9.87
CA GLY B 95 5.07 -6.18 -8.64
C GLY B 95 4.09 -5.04 -8.75
N PRO B 96 3.82 -4.35 -7.63
CA PRO B 96 2.86 -3.25 -7.66
C PRO B 96 3.45 -1.99 -8.30
N HIS B 97 2.58 -1.18 -8.88
CA HIS B 97 2.97 0.08 -9.51
C HIS B 97 1.72 0.95 -9.61
N TYR B 98 1.82 2.10 -10.29
CA TYR B 98 0.68 2.96 -10.56
C TYR B 98 0.66 3.13 -12.06
N GLY B 99 -0.53 3.14 -12.64
CA GLY B 99 -0.57 3.33 -14.08
C GLY B 99 -1.94 3.47 -14.66
N ALA B 100 -2.00 3.53 -15.99
CA ALA B 100 -3.26 3.63 -16.69
C ALA B 100 -3.03 3.31 -18.16
N ASN B 101 -4.03 2.73 -18.79
CA ASN B 101 -4.07 2.69 -20.25
C ASN B 101 -4.29 4.11 -20.75
N ILE B 102 -3.61 4.48 -21.83
CA ILE B 102 -3.67 5.84 -22.37
C ILE B 102 -3.83 5.77 -23.88
N LYS B 103 -4.70 6.63 -24.42
CA LYS B 103 -4.76 6.95 -25.84
C LYS B 103 -3.78 8.08 -26.07
N MET B 104 -2.78 7.85 -26.92
CA MET B 104 -1.82 8.91 -27.19
C MET B 104 -2.42 9.90 -28.19
N MET B 105 -1.66 10.97 -28.43
N MET B 105 -1.71 11.01 -28.43
CA MET B 105 -2.10 12.06 -29.29
CA MET B 105 -2.19 12.04 -29.36
C MET B 105 -1.20 12.17 -30.53
C MET B 105 -1.29 12.16 -30.59
N GLY B 106 -0.85 11.02 -31.11
CA GLY B 106 0.00 10.99 -32.30
C GLY B 106 1.46 10.78 -31.97
N VAL B 107 2.26 10.41 -32.97
CA VAL B 107 3.69 10.18 -32.72
C VAL B 107 4.44 11.51 -32.60
N GLY B 108 5.50 11.54 -31.78
CA GLY B 108 6.24 12.79 -31.54
C GLY B 108 6.96 12.91 -30.21
N ASN B 109 7.49 14.10 -29.94
CA ASN B 109 8.12 14.41 -28.66
C ASN B 109 7.07 14.72 -27.61
N TYR B 110 7.21 14.07 -26.45
CA TYR B 110 6.28 14.26 -25.35
C TYR B 110 6.95 14.71 -24.05
N LYS B 111 6.16 15.41 -23.25
CA LYS B 111 6.45 15.63 -21.84
C LYS B 111 5.28 15.06 -21.04
N VAL B 112 5.59 14.30 -20.01
CA VAL B 112 4.56 13.92 -19.05
C VAL B 112 4.97 14.39 -17.67
N THR B 113 4.03 14.95 -16.93
CA THR B 113 4.30 15.38 -15.56
C THR B 113 3.44 14.55 -14.63
N TYR B 114 4.05 13.99 -13.61
CA TYR B 114 3.25 13.29 -12.61
C TYR B 114 3.09 14.22 -11.41
N HIS B 115 1.84 14.42 -10.98
CA HIS B 115 1.49 15.20 -9.79
C HIS B 115 1.22 14.21 -8.67
N ILE B 116 2.03 14.26 -7.62
CA ILE B 116 2.09 13.21 -6.62
C ILE B 116 1.74 13.68 -5.23
N GLU B 117 0.74 13.02 -4.64
CA GLU B 117 0.36 13.31 -3.27
C GLU B 117 0.76 12.17 -2.36
N PRO B 118 1.17 12.49 -1.13
CA PRO B 118 1.75 11.47 -0.23
C PRO B 118 0.69 10.54 0.34
N PRO B 119 1.13 9.41 0.94
CA PRO B 119 0.22 8.36 1.40
C PRO B 119 -0.84 8.85 2.40
N SER B 120 -0.58 9.97 3.09
CA SER B 120 -1.57 10.52 4.00
C SER B 120 -2.89 10.86 3.30
N LYS B 121 -2.85 11.23 2.01
CA LYS B 121 -4.09 11.62 1.30
C LYS B 121 -5.04 10.43 0.99
N ALA B 122 -4.47 9.24 0.92
CA ALA B 122 -5.22 8.00 0.64
C ALA B 122 -5.41 7.14 1.89
N GLY B 123 -5.14 7.73 3.04
CA GLY B 123 -5.56 7.12 4.31
C GLY B 123 -4.47 6.41 5.09
N MET B 124 -3.22 6.57 4.66
CA MET B 124 -2.14 5.99 5.47
C MET B 124 -1.70 6.91 6.62
N HIS B 125 -1.68 6.40 7.85
CA HIS B 125 -1.29 7.16 9.00
C HIS B 125 0.18 6.93 9.35
N ARG B 126 0.77 7.77 10.20
CA ARG B 126 2.15 7.56 10.64
CA ARG B 126 2.14 7.53 10.64
C ARG B 126 2.26 7.53 12.16
N HIS B 127 3.15 6.68 12.68
CA HIS B 127 3.51 6.70 14.11
C HIS B 127 4.33 8.01 14.25
N THR B 128 4.14 8.75 15.34
CA THR B 128 4.90 9.98 15.59
C THR B 128 5.67 9.89 16.91
N ASP B 129 5.57 8.73 17.55
CA ASP B 129 6.23 8.40 18.83
C ASP B 129 7.76 8.47 18.69
N SER B 130 8.45 8.63 19.81
CA SER B 130 9.91 8.65 19.76
C SER B 130 10.57 7.35 19.29
N GLU B 131 10.13 6.19 19.78
CA GLU B 131 10.78 4.90 19.45
C GLU B 131 10.55 4.43 18.01
N THR B 132 9.29 4.47 17.57
CA THR B 132 8.96 3.88 16.29
C THR B 132 8.39 4.91 15.31
N GLY B 133 8.42 6.21 15.65
CA GLY B 133 7.84 7.25 14.81
C GLY B 133 8.64 7.52 13.55
N VAL B 134 8.02 8.15 12.55
CA VAL B 134 8.74 8.61 11.35
C VAL B 134 8.52 10.11 11.13
N GLY B 135 9.34 10.70 10.25
CA GLY B 135 9.22 12.13 9.92
C GLY B 135 7.92 12.48 9.21
N ARG B 136 7.65 13.77 9.11
CA ARG B 136 6.49 14.31 8.41
C ARG B 136 6.57 13.91 6.94
N TRP B 137 5.43 13.75 6.29
CA TRP B 137 5.37 13.53 4.84
C TRP B 137 5.89 14.75 4.10
N TRP B 138 6.55 14.51 2.96
CA TRP B 138 6.85 15.56 2.01
C TRP B 138 5.56 16.20 1.49
N LYS B 139 5.65 17.44 1.02
CA LYS B 139 4.51 18.11 0.40
C LYS B 139 4.27 17.57 -1.00
N PRO B 140 3.02 17.66 -1.50
CA PRO B 140 2.76 17.22 -2.87
C PRO B 140 3.72 17.87 -3.86
N PHE B 141 4.17 17.11 -4.84
CA PHE B 141 5.15 17.61 -5.81
C PHE B 141 4.95 17.03 -7.20
N ASP B 142 5.57 17.67 -8.20
CA ASP B 142 5.60 17.21 -9.58
C ASP B 142 6.98 16.68 -10.00
N VAL B 143 6.96 15.65 -10.85
CA VAL B 143 8.14 15.15 -11.56
C VAL B 143 7.78 15.06 -13.04
N SER B 144 8.73 15.44 -13.90
CA SER B 144 8.44 15.44 -15.33
C SER B 144 9.41 14.57 -16.14
N TYR B 145 8.95 14.12 -17.31
CA TYR B 145 9.73 13.24 -18.13
C TYR B 145 9.54 13.65 -19.57
N GLU B 146 10.66 13.81 -20.27
CA GLU B 146 10.64 14.06 -21.69
C GLU B 146 10.98 12.78 -22.43
N PHE B 147 10.15 12.39 -23.38
CA PHE B 147 10.37 11.20 -24.21
C PHE B 147 9.85 11.35 -25.63
N LYS B 148 10.38 10.54 -26.54
CA LYS B 148 9.98 10.53 -27.95
C LYS B 148 9.11 9.29 -28.20
N TYR B 149 7.84 9.48 -28.53
CA TYR B 149 6.94 8.36 -28.76
C TYR B 149 6.75 8.09 -30.24
N VAL B 150 7.11 6.88 -30.69
CA VAL B 150 7.02 6.52 -32.11
C VAL B 150 6.04 5.38 -32.42
N GLY B 151 5.25 4.98 -31.42
CA GLY B 151 4.43 3.78 -31.55
C GLY B 151 5.13 2.57 -30.91
N LEU B 152 4.43 1.44 -30.91
CA LEU B 152 4.97 0.19 -30.35
C LEU B 152 5.20 -0.86 -31.44
CU CU C . 1.23 0.75 14.18
CU CU C . 0.41 1.68 13.77
CU CU D . -0.77 -1.16 -14.58
CU CU D . 0.55 -1.32 -15.07
#